data_3JXZ
#
_entry.id   3JXZ
#
_cell.length_a   52.333
_cell.length_b   57.445
_cell.length_c   53.655
_cell.angle_alpha   90.00
_cell.angle_beta   101.88
_cell.angle_gamma   90.00
#
_symmetry.space_group_name_H-M   'P 1 21 1'
#
loop_
_entity.id
_entity.type
_entity.pdbx_description
1 polymer 'alkylpurine DNA glycosylase AlkD'
2 polymer "DNA (5'-D(*TP*GP*GP*GP*(3DR)P*GP*GP*CP*TP*T)-3')"
3 polymer "DNA (5'-D(*AP*AP*AP*GP*CP*CP*TP*CP*CP*C)-3')"
4 water water
#
loop_
_entity_poly.entity_id
_entity_poly.type
_entity_poly.pdbx_seq_one_letter_code
_entity_poly.pdbx_strand_id
1 'polypeptide(L)'
;MHPFVKALQEHFTAHQNPEKAEPMARYMKNHFLFLGIQTPERRQLLKDIIQIHTLPDQKDFQIIIRELWDLPEREFQAAA
LDIMQKYKKHINETHIPFLEELIVTKSWWDSVDSIVPTFLGDIFLKHPELISAYIPKWIASDNIWLQRAAILFQLKYKQK
MDEELLFWIIGQLHSSKEFFIQKAIGWVLREYAKTNPDVVWEYVQNNELAPLSKREAIKHIKQNY
;
A
2 'polydeoxyribonucleotide' (DT)(DG)(DG)(DG)(3DR)(DG)(DG)(DC)(DT)(DT) B
3 'polydeoxyribonucleotide' (DA)(DA)(DA)(DG)(DC)(DC)(DT)(DC)(DC)(DC) C
#
# COMPACT_ATOMS: atom_id res chain seq x y z
N MET A 1 7.01 -9.79 -22.25
CA MET A 1 6.86 -9.43 -23.66
C MET A 1 7.45 -8.06 -23.94
N HIS A 2 7.02 -7.04 -23.20
CA HIS A 2 7.54 -5.70 -23.41
C HIS A 2 9.05 -5.67 -23.18
N PRO A 3 9.80 -5.15 -24.17
CA PRO A 3 11.27 -5.13 -24.10
C PRO A 3 11.81 -4.48 -22.83
N PHE A 4 11.13 -3.43 -22.35
CA PHE A 4 11.54 -2.77 -21.12
C PHE A 4 11.50 -3.73 -19.95
N VAL A 5 10.39 -4.46 -19.83
CA VAL A 5 10.21 -5.44 -18.74
C VAL A 5 11.25 -6.55 -18.82
N LYS A 6 11.43 -7.13 -20.00
CA LYS A 6 12.35 -8.24 -20.16
C LYS A 6 13.78 -7.83 -19.87
N ALA A 7 14.15 -6.61 -20.27
CA ALA A 7 15.45 -6.05 -19.94
C ALA A 7 15.63 -5.90 -18.42
N LEU A 8 14.59 -5.40 -17.77
CA LEU A 8 14.62 -5.22 -16.32
C LEU A 8 14.76 -6.57 -15.63
N GLN A 9 14.04 -7.56 -16.13
CA GLN A 9 14.11 -8.91 -15.58
C GLN A 9 15.50 -9.51 -15.71
N GLU A 10 16.13 -9.35 -16.87
CA GLU A 10 17.48 -9.89 -17.03
C GLU A 10 18.49 -9.14 -16.18
N HIS A 11 18.35 -7.83 -16.09
CA HIS A 11 19.26 -7.01 -15.30
C HIS A 11 19.18 -7.36 -13.81
N PHE A 12 17.96 -7.33 -13.28
CA PHE A 12 17.73 -7.72 -11.89
C PHE A 12 18.31 -9.10 -11.58
N THR A 13 18.01 -10.07 -12.44
CA THR A 13 18.44 -11.44 -12.21
C THR A 13 19.97 -11.57 -12.13
N ALA A 14 20.67 -10.91 -13.04
CA ALA A 14 22.13 -10.91 -13.05
C ALA A 14 22.74 -10.33 -11.78
N HIS A 15 21.95 -9.57 -11.02
CA HIS A 15 22.45 -8.91 -9.82
C HIS A 15 21.82 -9.42 -8.53
N GLN A 16 21.26 -10.62 -8.60
CA GLN A 16 20.65 -11.23 -7.43
C GLN A 16 21.69 -11.60 -6.39
N ASN A 17 21.24 -11.79 -5.16
CA ASN A 17 22.12 -12.04 -4.04
C ASN A 17 21.44 -12.96 -3.02
N PRO A 18 21.69 -14.27 -3.14
CA PRO A 18 21.03 -15.31 -2.35
C PRO A 18 21.17 -15.08 -0.85
N GLU A 19 22.26 -14.46 -0.42
CA GLU A 19 22.47 -14.22 1.01
C GLU A 19 21.51 -13.19 1.60
N LYS A 20 21.09 -12.22 0.77
CA LYS A 20 20.12 -11.21 1.21
C LYS A 20 18.69 -11.65 0.95
N ALA A 21 18.52 -12.60 0.04
CA ALA A 21 17.20 -13.11 -0.33
C ALA A 21 16.51 -13.80 0.85
N GLU A 22 17.26 -14.55 1.63
CA GLU A 22 16.67 -15.34 2.71
C GLU A 22 15.97 -14.49 3.78
N PRO A 23 16.68 -13.49 4.36
CA PRO A 23 16.07 -12.64 5.38
C PRO A 23 14.96 -11.77 4.80
N MET A 24 15.14 -11.26 3.59
CA MET A 24 14.09 -10.46 2.96
C MET A 24 12.81 -11.29 2.81
N ALA A 25 12.98 -12.53 2.37
CA ALA A 25 11.83 -13.41 2.18
C ALA A 25 11.16 -13.77 3.50
N ARG A 26 11.95 -13.94 4.55
CA ARG A 26 11.38 -14.31 5.86
C ARG A 26 10.60 -13.14 6.47
N TYR A 27 11.07 -11.92 6.23
CA TYR A 27 10.36 -10.72 6.69
C TYR A 27 8.91 -10.73 6.20
N MET A 28 8.68 -11.27 5.00
CA MET A 28 7.32 -11.35 4.45
C MET A 28 6.70 -12.73 4.67
N LYS A 29 7.17 -13.43 5.70
CA LYS A 29 6.59 -14.72 6.07
C LYS A 29 6.65 -15.72 4.92
N ASN A 30 7.64 -15.57 4.04
CA ASN A 30 7.86 -16.49 2.93
C ASN A 30 6.73 -16.64 1.90
N HIS A 31 5.88 -15.62 1.80
CA HIS A 31 4.83 -15.62 0.79
C HIS A 31 5.40 -15.40 -0.61
N PHE A 32 6.63 -14.88 -0.67
CA PHE A 32 7.25 -14.54 -1.94
C PHE A 32 8.68 -15.02 -2.05
N LEU A 33 9.08 -15.30 -3.28
CA LEU A 33 10.48 -15.47 -3.66
C LEU A 33 11.13 -14.09 -3.71
N PHE A 34 12.40 -13.99 -3.33
CA PHE A 34 13.14 -12.74 -3.43
C PHE A 34 14.45 -12.98 -4.18
N LEU A 35 14.89 -11.99 -4.94
CA LEU A 35 16.20 -12.05 -5.59
C LEU A 35 17.31 -11.67 -4.62
N GLY A 36 16.96 -10.87 -3.62
CA GLY A 36 17.93 -10.39 -2.65
C GLY A 36 18.50 -9.05 -3.05
N ILE A 37 17.64 -8.19 -3.60
CA ILE A 37 18.07 -6.87 -4.04
C ILE A 37 17.34 -5.80 -3.23
N GLN A 38 18.10 -5.07 -2.42
CA GLN A 38 17.54 -4.03 -1.57
C GLN A 38 17.35 -2.72 -2.33
N THR A 39 16.80 -1.71 -1.66
CA THR A 39 16.29 -0.52 -2.33
C THR A 39 17.31 0.31 -3.15
N PRO A 40 18.47 0.64 -2.57
CA PRO A 40 19.42 1.42 -3.36
C PRO A 40 19.84 0.70 -4.64
N GLU A 41 20.18 -0.58 -4.54
CA GLU A 41 20.55 -1.35 -5.73
C GLU A 41 19.37 -1.46 -6.70
N ARG A 42 18.19 -1.77 -6.17
CA ARG A 42 17.00 -1.95 -7.01
C ARG A 42 16.68 -0.71 -7.85
N ARG A 43 16.78 0.46 -7.22
CA ARG A 43 16.53 1.70 -7.94
C ARG A 43 17.64 2.03 -8.93
N GLN A 44 18.87 1.72 -8.58
CA GLN A 44 19.99 1.92 -9.51
C GLN A 44 19.82 1.03 -10.73
N LEU A 45 19.46 -0.23 -10.50
CA LEU A 45 19.27 -1.17 -11.59
C LEU A 45 18.14 -0.72 -12.50
N LEU A 46 17.05 -0.24 -11.90
CA LEU A 46 15.95 0.37 -12.66
C LEU A 46 16.45 1.58 -13.45
N LYS A 47 17.21 2.44 -12.78
CA LYS A 47 17.84 3.59 -13.42
C LYS A 47 18.67 3.20 -14.64
N ASP A 48 19.45 2.12 -14.51
CA ASP A 48 20.30 1.65 -15.61
C ASP A 48 19.44 1.37 -16.84
N ILE A 49 18.36 0.65 -16.62
CA ILE A 49 17.50 0.20 -17.71
C ILE A 49 16.81 1.40 -18.35
N ILE A 50 16.50 2.39 -17.52
CA ILE A 50 15.89 3.63 -18.02
C ILE A 50 16.89 4.44 -18.87
N GLN A 51 18.15 4.47 -18.46
CA GLN A 51 19.18 5.16 -19.23
C GLN A 51 19.29 4.56 -20.63
N ILE A 52 19.07 3.25 -20.74
CA ILE A 52 19.27 2.53 -22.00
C ILE A 52 18.03 2.56 -22.89
N HIS A 53 16.87 2.27 -22.32
CA HIS A 53 15.63 2.17 -23.08
C HIS A 53 14.83 3.46 -23.02
N THR A 54 15.20 4.35 -22.11
CA THR A 54 14.39 5.52 -21.76
C THR A 54 13.05 5.08 -21.18
N LEU A 55 12.41 5.98 -20.43
CA LEU A 55 11.13 5.66 -19.82
C LEU A 55 10.06 5.56 -20.89
N PRO A 56 9.30 4.46 -20.89
CA PRO A 56 8.28 4.17 -21.89
C PRO A 56 7.18 5.22 -21.89
N ASP A 57 6.44 5.30 -23.00
CA ASP A 57 5.35 6.26 -23.10
C ASP A 57 4.30 6.00 -22.05
N GLN A 58 3.65 7.07 -21.59
CA GLN A 58 2.65 6.98 -20.53
C GLN A 58 1.50 6.05 -20.91
N LYS A 59 1.27 5.86 -22.20
CA LYS A 59 0.19 4.98 -22.63
C LYS A 59 0.59 3.51 -22.54
N ASP A 60 1.83 3.26 -22.16
CA ASP A 60 2.32 1.89 -22.00
C ASP A 60 2.48 1.51 -20.53
N PHE A 61 2.40 2.49 -19.64
CA PHE A 61 2.79 2.26 -18.25
C PHE A 61 2.03 1.12 -17.56
N GLN A 62 0.75 0.97 -17.88
CA GLN A 62 -0.05 -0.07 -17.24
C GLN A 62 0.36 -1.47 -17.67
N ILE A 63 0.69 -1.63 -18.94
CA ILE A 63 1.17 -2.92 -19.43
C ILE A 63 2.46 -3.30 -18.71
N ILE A 64 3.37 -2.34 -18.57
CA ILE A 64 4.65 -2.62 -17.93
C ILE A 64 4.46 -2.99 -16.46
N ILE A 65 3.57 -2.28 -15.78
CA ILE A 65 3.30 -2.55 -14.38
C ILE A 65 2.65 -3.92 -14.19
N ARG A 66 1.73 -4.28 -15.07
CA ARG A 66 1.08 -5.59 -15.02
C ARG A 66 2.06 -6.73 -15.29
N GLU A 67 3.00 -6.52 -16.20
CA GLU A 67 3.96 -7.58 -16.55
C GLU A 67 4.93 -7.80 -15.40
N LEU A 68 5.29 -6.71 -14.74
CA LEU A 68 6.15 -6.76 -13.58
C LEU A 68 5.43 -7.44 -12.41
N TRP A 69 4.13 -7.16 -12.28
CA TRP A 69 3.33 -7.74 -11.22
C TRP A 69 3.23 -9.26 -11.37
N ASP A 70 3.31 -9.74 -12.61
CA ASP A 70 3.17 -11.16 -12.90
C ASP A 70 4.45 -11.96 -12.66
N LEU A 71 5.59 -11.28 -12.56
CA LEU A 71 6.86 -11.97 -12.31
C LEU A 71 6.96 -12.46 -10.86
N PRO A 72 7.54 -13.64 -10.66
CA PRO A 72 7.57 -14.34 -9.36
C PRO A 72 8.23 -13.56 -8.22
N GLU A 73 9.39 -12.96 -8.48
CA GLU A 73 10.18 -12.37 -7.41
C GLU A 73 9.66 -11.00 -6.96
N ARG A 74 9.68 -10.77 -5.65
CA ARG A 74 9.01 -9.62 -5.05
C ARG A 74 9.57 -8.29 -5.53
N GLU A 75 10.88 -8.24 -5.77
CA GLU A 75 11.50 -6.98 -6.20
C GLU A 75 10.89 -6.43 -7.49
N PHE A 76 10.32 -7.30 -8.30
CA PHE A 76 9.69 -6.83 -9.52
C PHE A 76 8.44 -6.01 -9.22
N GLN A 77 7.70 -6.39 -8.17
CA GLN A 77 6.57 -5.58 -7.73
C GLN A 77 7.06 -4.30 -7.06
N ALA A 78 8.17 -4.38 -6.34
CA ALA A 78 8.76 -3.19 -5.75
C ALA A 78 9.22 -2.21 -6.84
N ALA A 79 9.81 -2.75 -7.90
CA ALA A 79 10.21 -1.95 -9.06
C ALA A 79 9.00 -1.37 -9.80
N ALA A 80 7.94 -2.17 -9.90
CA ALA A 80 6.71 -1.67 -10.53
C ALA A 80 6.19 -0.43 -9.82
N LEU A 81 6.27 -0.45 -8.49
CA LEU A 81 5.83 0.67 -7.67
C LEU A 81 6.75 1.89 -7.82
N ASP A 82 8.05 1.66 -7.94
CA ASP A 82 8.98 2.75 -8.26
C ASP A 82 8.59 3.41 -9.58
N ILE A 83 8.22 2.57 -10.54
CA ILE A 83 7.83 3.04 -11.87
C ILE A 83 6.54 3.83 -11.78
N MET A 84 5.59 3.34 -10.99
CA MET A 84 4.29 3.99 -10.91
C MET A 84 4.46 5.38 -10.32
N GLN A 85 5.35 5.50 -9.34
CA GLN A 85 5.67 6.79 -8.77
C GLN A 85 6.18 7.77 -9.84
N LYS A 86 6.96 7.26 -10.79
CA LYS A 86 7.50 8.12 -11.86
C LYS A 86 6.40 8.65 -12.79
N TYR A 87 5.31 7.89 -12.89
CA TYR A 87 4.18 8.25 -13.74
C TYR A 87 3.06 8.89 -12.93
N LYS A 88 3.38 9.22 -11.68
CA LYS A 88 2.39 9.71 -10.73
C LYS A 88 1.46 10.78 -11.31
N LYS A 89 2.02 11.68 -12.12
CA LYS A 89 1.24 12.79 -12.64
C LYS A 89 0.18 12.36 -13.65
N HIS A 90 0.34 11.17 -14.20
CA HIS A 90 -0.59 10.67 -15.21
C HIS A 90 -1.60 9.69 -14.60
N ILE A 91 -1.51 9.49 -13.30
CA ILE A 91 -2.46 8.61 -12.63
C ILE A 91 -3.62 9.42 -12.09
N ASN A 92 -4.82 9.03 -12.45
CA ASN A 92 -6.01 9.76 -12.03
C ASN A 92 -7.16 8.81 -11.69
N GLU A 93 -8.38 9.35 -11.65
CA GLU A 93 -9.52 8.57 -11.17
C GLU A 93 -9.88 7.42 -12.13
N THR A 94 -9.52 7.56 -13.41
CA THR A 94 -9.78 6.46 -14.35
C THR A 94 -8.92 5.23 -14.05
N HIS A 95 -7.92 5.40 -13.20
CA HIS A 95 -7.00 4.30 -12.86
C HIS A 95 -7.36 3.58 -11.56
N ILE A 96 -8.44 3.98 -10.91
CA ILE A 96 -8.82 3.29 -9.67
C ILE A 96 -8.99 1.77 -9.86
N PRO A 97 -9.70 1.34 -10.91
CA PRO A 97 -9.85 -0.10 -11.16
C PRO A 97 -8.50 -0.81 -11.35
N PHE A 98 -7.58 -0.20 -12.09
CA PHE A 98 -6.23 -0.73 -12.24
C PHE A 98 -5.58 -0.88 -10.87
N LEU A 99 -5.71 0.13 -10.02
CA LEU A 99 -5.12 0.07 -8.69
C LEU A 99 -5.77 -1.01 -7.82
N GLU A 100 -7.09 -1.16 -7.94
CA GLU A 100 -7.79 -2.24 -7.24
C GLU A 100 -7.19 -3.59 -7.61
N GLU A 101 -6.92 -3.78 -8.89
CA GLU A 101 -6.32 -5.03 -9.35
C GLU A 101 -4.95 -5.27 -8.72
N LEU A 102 -4.11 -4.24 -8.68
CA LEU A 102 -2.81 -4.38 -8.04
C LEU A 102 -2.94 -4.75 -6.57
N ILE A 103 -3.95 -4.17 -5.92
CA ILE A 103 -4.18 -4.39 -4.50
C ILE A 103 -4.56 -5.84 -4.21
N VAL A 104 -5.32 -6.46 -5.10
CA VAL A 104 -5.85 -7.78 -4.81
C VAL A 104 -5.04 -8.91 -5.44
N THR A 105 -3.94 -8.55 -6.11
CA THR A 105 -3.06 -9.54 -6.75
C THR A 105 -1.70 -9.46 -6.10
N LYS A 106 -1.08 -10.62 -5.86
CA LYS A 106 0.20 -10.69 -5.15
C LYS A 106 0.13 -9.85 -3.87
N SER A 107 -0.95 -10.01 -3.10
CA SER A 107 -1.25 -9.10 -2.00
C SER A 107 -0.43 -9.34 -0.74
N TRP A 108 0.08 -8.27 -0.15
CA TRP A 108 0.66 -8.32 1.19
C TRP A 108 0.78 -6.88 1.63
N TRP A 109 1.17 -6.66 2.88
CA TRP A 109 1.17 -5.29 3.39
C TRP A 109 2.14 -4.40 2.63
N ASP A 110 3.24 -4.98 2.15
CA ASP A 110 4.29 -4.17 1.54
C ASP A 110 3.83 -3.50 0.24
N SER A 111 3.09 -4.23 -0.60
CA SER A 111 2.60 -3.64 -1.85
C SER A 111 1.36 -2.78 -1.60
N VAL A 112 0.40 -3.31 -0.86
CA VAL A 112 -0.84 -2.59 -0.60
C VAL A 112 -0.62 -1.24 0.10
N ASP A 113 0.22 -1.22 1.14
CA ASP A 113 0.49 0.04 1.82
C ASP A 113 1.25 1.04 0.92
N SER A 114 1.94 0.55 -0.10
CA SER A 114 2.65 1.42 -1.03
C SER A 114 1.73 2.02 -2.11
N ILE A 115 0.54 1.46 -2.23
CA ILE A 115 -0.42 1.91 -3.22
C ILE A 115 -1.46 2.84 -2.57
N VAL A 116 -1.88 2.52 -1.36
CA VAL A 116 -3.09 3.12 -0.80
C VAL A 116 -2.97 4.56 -0.28
N PRO A 117 -2.14 4.80 0.74
CA PRO A 117 -2.15 6.15 1.33
C PRO A 117 -1.60 7.22 0.39
N THR A 118 -0.80 6.81 -0.59
CA THR A 118 -0.22 7.77 -1.52
C THR A 118 -1.14 7.96 -2.73
N PHE A 119 -1.19 6.96 -3.61
CA PHE A 119 -1.97 7.09 -4.84
C PHE A 119 -3.46 7.27 -4.60
N LEU A 120 -4.08 6.37 -3.84
CA LEU A 120 -5.51 6.46 -3.61
C LEU A 120 -5.89 7.64 -2.72
N GLY A 121 -5.06 7.91 -1.71
CA GLY A 121 -5.28 9.06 -0.83
C GLY A 121 -5.31 10.37 -1.60
N ASP A 122 -4.38 10.54 -2.55
CA ASP A 122 -4.35 11.73 -3.40
C ASP A 122 -5.57 11.80 -4.32
N ILE A 123 -5.92 10.66 -4.90
CA ILE A 123 -7.05 10.60 -5.81
C ILE A 123 -8.38 11.00 -5.18
N PHE A 124 -8.69 10.46 -4.01
CA PHE A 124 -9.95 10.80 -3.34
C PHE A 124 -9.98 12.24 -2.85
N LEU A 125 -8.82 12.79 -2.55
CA LEU A 125 -8.71 14.20 -2.22
C LEU A 125 -9.17 15.04 -3.42
N LYS A 126 -8.75 14.64 -4.61
CA LYS A 126 -9.01 15.39 -5.83
C LYS A 126 -10.41 15.10 -6.38
N HIS A 127 -10.95 13.93 -6.04
CA HIS A 127 -12.24 13.49 -6.56
C HIS A 127 -13.14 13.00 -5.42
N PRO A 128 -13.55 13.92 -4.53
CA PRO A 128 -14.27 13.58 -3.30
C PRO A 128 -15.53 12.76 -3.56
N GLU A 129 -16.16 12.96 -4.71
CA GLU A 129 -17.42 12.30 -5.01
C GLU A 129 -17.25 10.79 -5.22
N LEU A 130 -16.01 10.34 -5.41
CA LEU A 130 -15.80 8.92 -5.68
C LEU A 130 -15.69 8.06 -4.43
N ILE A 131 -15.49 8.68 -3.28
CA ILE A 131 -15.37 7.92 -2.04
C ILE A 131 -16.53 6.97 -1.83
N SER A 132 -17.76 7.43 -2.07
CA SER A 132 -18.92 6.60 -1.84
C SER A 132 -19.05 5.52 -2.89
N ALA A 133 -18.41 5.72 -4.05
CA ALA A 133 -18.44 4.71 -5.11
C ALA A 133 -17.47 3.56 -4.82
N TYR A 134 -16.49 3.77 -3.94
CA TYR A 134 -15.44 2.78 -3.73
C TYR A 134 -15.36 2.22 -2.30
N ILE A 135 -15.39 3.10 -1.32
CA ILE A 135 -15.12 2.70 0.05
C ILE A 135 -16.15 1.70 0.60
N PRO A 136 -17.44 2.01 0.50
CA PRO A 136 -18.43 1.02 0.97
C PRO A 136 -18.25 -0.32 0.25
N LYS A 137 -17.91 -0.28 -1.03
CA LYS A 137 -17.69 -1.50 -1.80
C LYS A 137 -16.50 -2.27 -1.26
N TRP A 138 -15.41 -1.57 -0.97
CA TRP A 138 -14.22 -2.24 -0.45
C TRP A 138 -14.49 -2.88 0.91
N ILE A 139 -15.21 -2.16 1.76
CA ILE A 139 -15.53 -2.66 3.09
C ILE A 139 -16.35 -3.95 3.00
N ALA A 140 -17.31 -3.97 2.09
CA ALA A 140 -18.23 -5.09 1.96
C ALA A 140 -17.67 -6.26 1.16
N SER A 141 -16.48 -6.09 0.58
CA SER A 141 -15.95 -7.11 -0.34
C SER A 141 -15.44 -8.37 0.36
N ASP A 142 -15.11 -8.25 1.63
CA ASP A 142 -14.49 -9.36 2.34
C ASP A 142 -13.16 -9.77 1.69
N ASN A 143 -12.61 -8.90 0.84
CA ASN A 143 -11.20 -9.00 0.47
C ASN A 143 -10.44 -8.13 1.47
N ILE A 144 -9.61 -8.75 2.29
CA ILE A 144 -9.00 -8.03 3.42
C ILE A 144 -8.07 -6.91 2.97
N TRP A 145 -7.60 -6.97 1.72
CA TRP A 145 -6.67 -5.94 1.24
C TRP A 145 -7.43 -4.71 0.75
N LEU A 146 -8.60 -4.91 0.16
CA LEU A 146 -9.49 -3.78 -0.13
C LEU A 146 -10.02 -3.18 1.16
N GLN A 147 -10.29 -4.02 2.16
CA GLN A 147 -10.74 -3.50 3.44
C GLN A 147 -9.64 -2.69 4.08
N ARG A 148 -8.41 -3.17 3.98
CA ARG A 148 -7.28 -2.40 4.49
C ARG A 148 -7.15 -1.08 3.72
N ALA A 149 -7.42 -1.12 2.43
CA ALA A 149 -7.38 0.10 1.61
C ALA A 149 -8.38 1.16 2.08
N ALA A 150 -9.58 0.72 2.48
CA ALA A 150 -10.58 1.68 2.93
C ALA A 150 -10.15 2.33 4.25
N ILE A 151 -9.48 1.57 5.11
CA ILE A 151 -9.01 2.11 6.38
C ILE A 151 -7.85 3.10 6.22
N LEU A 152 -6.94 2.79 5.31
CA LEU A 152 -5.66 3.50 5.22
C LEU A 152 -5.59 4.64 4.19
N PHE A 153 -6.63 4.83 3.38
CA PHE A 153 -6.51 5.87 2.34
C PHE A 153 -6.30 7.29 2.91
N GLN A 154 -6.75 7.51 4.15
CA GLN A 154 -6.61 8.80 4.81
C GLN A 154 -5.42 8.87 5.74
N LEU A 155 -4.58 7.84 5.72
CA LEU A 155 -3.50 7.72 6.67
C LEU A 155 -2.61 8.95 6.79
N LYS A 156 -2.27 9.57 5.67
CA LYS A 156 -1.37 10.71 5.66
C LYS A 156 -2.09 12.06 5.69
N TYR A 157 -3.41 12.05 5.92
CA TYR A 157 -4.21 13.26 5.78
C TYR A 157 -3.91 14.34 6.82
N LYS A 158 -3.41 13.91 7.98
CA LYS A 158 -3.21 14.80 9.12
C LYS A 158 -4.44 15.68 9.34
N GLN A 159 -4.29 16.99 9.14
CA GLN A 159 -5.36 17.91 9.47
C GLN A 159 -6.53 17.82 8.49
N LYS A 160 -6.33 17.08 7.40
CA LYS A 160 -7.40 16.89 6.40
C LYS A 160 -8.28 15.68 6.73
N MET A 161 -7.96 14.98 7.80
CA MET A 161 -8.69 13.78 8.17
C MET A 161 -10.17 14.09 8.35
N ASP A 162 -11.01 13.33 7.66
CA ASP A 162 -12.44 13.37 7.89
C ASP A 162 -12.73 12.40 9.02
N GLU A 163 -12.72 12.90 10.25
CA GLU A 163 -12.91 12.06 11.43
C GLU A 163 -14.20 11.24 11.40
N GLU A 164 -15.33 11.86 11.03
CA GLU A 164 -16.58 11.11 11.02
C GLU A 164 -16.49 9.94 10.05
N LEU A 165 -15.91 10.20 8.88
CA LEU A 165 -15.73 9.13 7.90
C LEU A 165 -14.78 8.05 8.42
N LEU A 166 -13.69 8.48 9.05
CA LEU A 166 -12.71 7.52 9.59
C LEU A 166 -13.36 6.61 10.61
N PHE A 167 -14.12 7.18 11.53
CA PHE A 167 -14.71 6.38 12.61
C PHE A 167 -15.83 5.50 12.08
N TRP A 168 -16.53 5.96 11.06
CA TRP A 168 -17.51 5.13 10.36
C TRP A 168 -16.88 3.89 9.72
N ILE A 169 -15.77 4.09 9.02
CA ILE A 169 -15.09 2.97 8.35
C ILE A 169 -14.57 1.98 9.39
N ILE A 170 -13.94 2.48 10.44
CA ILE A 170 -13.47 1.62 11.52
C ILE A 170 -14.61 0.83 12.19
N GLY A 171 -15.71 1.52 12.48
CA GLY A 171 -16.86 0.88 13.08
C GLY A 171 -17.38 -0.25 12.22
N GLN A 172 -17.26 -0.12 10.91
CA GLN A 172 -17.75 -1.14 10.00
C GLN A 172 -16.87 -2.40 10.06
N LEU A 173 -15.62 -2.22 10.45
CA LEU A 173 -14.65 -3.32 10.39
C LEU A 173 -14.16 -3.72 11.79
N HIS A 174 -14.73 -3.15 12.85
CA HIS A 174 -14.22 -3.38 14.21
C HIS A 174 -14.29 -4.82 14.68
N SER A 175 -15.16 -5.62 14.07
CA SER A 175 -15.33 -7.00 14.49
C SER A 175 -14.53 -7.97 13.62
N SER A 176 -13.79 -7.43 12.66
CA SER A 176 -13.03 -8.30 11.77
C SER A 176 -12.02 -9.11 12.58
N LYS A 177 -11.90 -10.38 12.22
CA LYS A 177 -10.96 -11.28 12.90
C LYS A 177 -9.61 -11.31 12.22
N GLU A 178 -9.48 -10.53 11.14
CA GLU A 178 -8.26 -10.53 10.35
C GLU A 178 -7.16 -9.72 10.98
N PHE A 179 -6.01 -10.36 11.17
CA PHE A 179 -4.83 -9.70 11.70
C PHE A 179 -4.52 -8.35 11.02
N PHE A 180 -4.48 -8.32 9.69
CA PHE A 180 -4.06 -7.10 8.98
C PHE A 180 -5.10 -5.98 8.98
N ILE A 181 -6.33 -6.32 9.30
CA ILE A 181 -7.37 -5.33 9.54
C ILE A 181 -7.26 -4.73 10.93
N GLN A 182 -7.10 -5.58 11.95
CA GLN A 182 -6.88 -5.07 13.30
C GLN A 182 -5.63 -4.20 13.36
N LYS A 183 -4.60 -4.60 12.64
CA LYS A 183 -3.39 -3.79 12.52
C LYS A 183 -3.62 -2.46 11.80
N ALA A 184 -4.37 -2.48 10.71
CA ALA A 184 -4.61 -1.28 9.93
C ALA A 184 -5.39 -0.28 10.78
N ILE A 185 -6.34 -0.79 11.56
CA ILE A 185 -7.12 0.07 12.44
C ILE A 185 -6.22 0.69 13.49
N GLY A 186 -5.34 -0.10 14.08
CA GLY A 186 -4.43 0.42 15.09
C GLY A 186 -3.48 1.45 14.49
N TRP A 187 -3.06 1.23 13.24
CA TRP A 187 -2.07 2.08 12.61
C TRP A 187 -2.64 3.46 12.32
N VAL A 188 -3.81 3.48 11.68
CA VAL A 188 -4.43 4.74 11.30
C VAL A 188 -4.74 5.58 12.53
N LEU A 189 -5.20 4.91 13.60
CA LEU A 189 -5.48 5.60 14.84
C LEU A 189 -4.21 6.12 15.49
N ARG A 190 -3.17 5.30 15.51
CA ARG A 190 -1.88 5.72 16.06
C ARG A 190 -1.35 6.90 15.27
N GLU A 191 -1.43 6.81 13.94
CA GLU A 191 -0.93 7.88 13.08
C GLU A 191 -1.76 9.14 13.24
N TYR A 192 -3.08 9.00 13.26
CA TYR A 192 -3.93 10.19 13.43
C TYR A 192 -3.71 10.84 14.80
N ALA A 193 -3.29 10.06 15.79
CA ALA A 193 -3.06 10.57 17.14
C ALA A 193 -1.91 11.56 17.22
N LYS A 194 -1.03 11.52 16.23
CA LYS A 194 0.05 12.50 16.14
C LYS A 194 -0.52 13.90 15.82
N THR A 195 -1.75 13.92 15.32
CA THR A 195 -2.42 15.17 15.00
C THR A 195 -3.48 15.52 16.05
N ASN A 196 -4.27 14.53 16.44
CA ASN A 196 -5.38 14.75 17.37
C ASN A 196 -5.45 13.61 18.37
N PRO A 197 -4.51 13.58 19.33
CA PRO A 197 -4.44 12.49 20.29
C PRO A 197 -5.69 12.40 21.17
N ASP A 198 -6.30 13.52 21.55
CA ASP A 198 -7.44 13.48 22.44
C ASP A 198 -8.59 12.65 21.87
N VAL A 199 -8.94 12.90 20.61
CA VAL A 199 -10.06 12.22 19.98
C VAL A 199 -9.79 10.72 19.78
N VAL A 200 -8.53 10.36 19.55
CA VAL A 200 -8.18 8.95 19.39
C VAL A 200 -8.25 8.23 20.74
N TRP A 201 -7.73 8.88 21.79
CA TRP A 201 -7.80 8.32 23.12
C TRP A 201 -9.23 8.05 23.51
N GLU A 202 -10.11 9.02 23.28
CA GLU A 202 -11.51 8.85 23.60
C GLU A 202 -12.14 7.73 22.79
N TYR A 203 -11.84 7.71 21.49
CA TYR A 203 -12.45 6.70 20.63
C TYR A 203 -12.06 5.30 21.09
N VAL A 204 -10.78 5.10 21.38
CA VAL A 204 -10.30 3.81 21.84
C VAL A 204 -10.91 3.38 23.19
N GLN A 205 -11.02 4.32 24.13
CA GLN A 205 -11.62 4.02 25.43
C GLN A 205 -13.11 3.68 25.35
N ASN A 206 -13.82 4.26 24.38
CA ASN A 206 -15.29 4.22 24.41
C ASN A 206 -15.94 3.39 23.31
N ASN A 207 -15.15 2.71 22.49
CA ASN A 207 -15.70 1.92 21.39
C ASN A 207 -15.06 0.55 21.31
N GLU A 208 -15.82 -0.41 20.79
CA GLU A 208 -15.36 -1.79 20.67
C GLU A 208 -14.30 -1.93 19.58
N LEU A 209 -13.19 -2.56 19.94
CA LEU A 209 -12.10 -2.85 19.01
C LEU A 209 -11.39 -4.08 19.56
N ALA A 210 -10.69 -4.81 18.70
CA ALA A 210 -9.87 -5.92 19.17
C ALA A 210 -8.81 -5.36 20.10
N PRO A 211 -8.47 -6.12 21.17
CA PRO A 211 -7.38 -5.68 22.05
C PRO A 211 -6.11 -5.32 21.26
N LEU A 212 -5.81 -6.07 20.22
CA LEU A 212 -4.64 -5.79 19.35
C LEU A 212 -4.73 -4.37 18.81
N SER A 213 -5.90 -4.00 18.32
CA SER A 213 -6.08 -2.66 17.74
C SER A 213 -5.89 -1.58 18.80
N LYS A 214 -6.47 -1.81 19.99
CA LYS A 214 -6.35 -0.83 21.06
C LYS A 214 -4.88 -0.64 21.46
N ARG A 215 -4.15 -1.74 21.58
CA ARG A 215 -2.75 -1.64 21.93
C ARG A 215 -1.94 -0.85 20.88
N GLU A 216 -2.12 -1.19 19.61
CA GLU A 216 -1.43 -0.48 18.52
C GLU A 216 -1.77 1.01 18.50
N ALA A 217 -3.04 1.32 18.70
CA ALA A 217 -3.49 2.69 18.61
C ALA A 217 -2.84 3.62 19.63
N ILE A 218 -2.62 3.13 20.84
CA ILE A 218 -2.20 4.04 21.91
C ILE A 218 -0.76 3.91 22.32
N LYS A 219 0.02 3.13 21.57
CA LYS A 219 1.40 2.82 22.01
C LYS A 219 2.27 4.05 22.24
N HIS A 220 2.04 5.13 21.51
CA HIS A 220 2.82 6.35 21.70
C HIS A 220 2.18 7.42 22.58
N ILE A 221 0.87 7.34 22.82
CA ILE A 221 0.21 8.39 23.59
C ILE A 221 -0.17 7.98 25.02
N LYS A 222 -0.14 6.68 25.31
CA LYS A 222 -0.59 6.23 26.62
C LYS A 222 0.22 6.89 27.75
N GLN A 223 1.47 7.25 27.45
CA GLN A 223 2.33 7.95 28.42
C GLN A 223 1.78 9.33 28.79
N ASN A 224 0.75 9.79 28.09
CA ASN A 224 0.21 11.12 28.35
C ASN A 224 -1.16 11.11 29.01
N TYR A 225 -1.71 9.93 29.25
CA TYR A 225 -3.03 9.79 29.86
C TYR A 225 -3.03 8.84 31.05
#